data_4HZX
#
_entry.id   4HZX
#
_cell.length_a   106.224
_cell.length_b   106.224
_cell.length_c   66.448
_cell.angle_alpha   90.00
_cell.angle_beta   90.00
_cell.angle_gamma   90.00
#
_symmetry.space_group_name_H-M   'I 4'
#
loop_
_entity.id
_entity.type
_entity.pdbx_description
1 polymer Neuraminidase
2 branched 2-acetamido-2-deoxy-beta-D-glucopyranose-(1-4)-[alpha-L-fucopyranose-(1-6)]2-acetamido-2-deoxy-beta-D-glucopyranose
3 branched alpha-L-fucopyranose-(1-6)-2-acetamido-2-deoxy-beta-D-glucopyranose
4 non-polymer 'CALCIUM ION'
5 non-polymer '(3R,4R,5S)-4-(acetylamino)-5-amino-3-(pentan-3-yloxy)cyclohex-1-ene-1-carboxylic acid'
6 water water
#
_entity_poly.entity_id   1
_entity_poly.type   'polypeptide(L)'
_entity_poly.pdbx_seq_one_letter_code
;FRPFKSPLPLCPFRGFFPFHKDNAIRLGENKDVIVTREPYVSCDNDNCWSFALAQGALLGTKHSNGTIKDRTPYRSLIRF
PIGTAPVLGNYKEICIAWSSSSCFDGKEWMHVCMTGNDNDASAQIIYGGRMTDSIKSWRKDILRTQESECQCIDGTCVVA
VTDGPAANSADYRVYWIREGKIIKYENVPKTKIQHLEECSCYVDIDVYCICRDNWKGSNRPWMRINNETILETGYVCSKF
HSDTPRPADPSTMSCDSPSNVNGGPGVKGFGFKAGDDVWLGRTVSTSGRSGFEIIKVTEGWINSPNHVKSITQTLVSNND
WSGYSGSFIVKAKDCFQPCFYVELIRGRPNKNDDVSWTSNSIVTFCGLDNEPGSGNWPDGSNIGFMPK
;
_entity_poly.pdbx_strand_id   A
#
# COMPACT_ATOMS: atom_id res chain seq x y z
N PHE A 1 5.48 30.35 -3.28
CA PHE A 1 5.93 29.77 -2.02
C PHE A 1 4.90 28.86 -1.37
N ARG A 2 5.35 27.70 -0.92
CA ARG A 2 4.48 26.74 -0.26
C ARG A 2 5.15 26.22 1.02
N PRO A 3 4.40 26.21 2.14
CA PRO A 3 4.93 25.69 3.40
C PRO A 3 4.94 24.16 3.38
N PHE A 4 5.79 23.55 4.20
CA PHE A 4 5.79 22.09 4.34
C PHE A 4 4.46 21.64 4.92
N LYS A 5 3.99 20.47 4.49
CA LYS A 5 2.80 19.85 5.09
C LYS A 5 2.91 19.77 6.61
N SER A 6 1.79 20.00 7.29
CA SER A 6 1.75 20.03 8.75
C SER A 6 1.18 18.74 9.34
N PRO A 7 1.43 18.52 10.64
CA PRO A 7 0.91 17.36 11.37
C PRO A 7 -0.58 17.49 11.70
N LEU A 8 -1.43 17.56 10.69
CA LEU A 8 -2.87 17.73 10.90
C LEU A 8 -3.55 16.44 11.37
N PRO A 9 -4.62 16.58 12.16
CA PRO A 9 -5.40 15.42 12.58
C PRO A 9 -6.19 14.84 11.41
N LEU A 10 -6.59 13.58 11.54
CA LEU A 10 -7.41 12.92 10.54
C LEU A 10 -8.85 13.48 10.60
N CYS A 11 -9.43 13.77 9.44
CA CYS A 11 -10.81 14.27 9.39
C CYS A 11 -11.79 13.24 9.93
N PRO A 12 -12.94 13.71 10.45
CA PRO A 12 -14.00 12.76 10.84
C PRO A 12 -14.59 12.08 9.60
N PHE A 13 -15.00 10.83 9.76
CA PHE A 13 -15.61 10.08 8.66
C PHE A 13 -16.41 8.91 9.21
N ARG A 14 -17.36 8.42 8.42
CA ARG A 14 -18.20 7.30 8.86
C ARG A 14 -18.51 6.36 7.71
N GLY A 15 -17.82 6.55 6.58
CA GLY A 15 -18.01 5.71 5.42
C GLY A 15 -17.07 6.08 4.29
N PHE A 16 -16.98 5.19 3.31
CA PHE A 16 -16.08 5.40 2.19
C PHE A 16 -16.82 5.39 0.86
N PHE A 17 -16.41 6.29 -0.03
CA PHE A 17 -17.15 6.58 -1.25
C PHE A 17 -16.26 6.44 -2.48
N PRO A 18 -16.84 5.94 -3.59
CA PRO A 18 -16.10 5.74 -4.84
C PRO A 18 -15.52 7.04 -5.39
N PHE A 19 -14.23 6.99 -5.75
CA PHE A 19 -13.48 8.19 -6.12
C PHE A 19 -13.06 8.14 -7.60
N HIS A 20 -11.87 7.61 -7.87
CA HIS A 20 -11.39 7.38 -9.24
C HIS A 20 -11.28 5.88 -9.56
N LYS A 21 -11.52 5.52 -10.82
CA LYS A 21 -11.34 4.14 -11.28
C LYS A 21 -10.82 4.11 -12.72
N ASP A 22 -9.76 3.35 -12.98
CA ASP A 22 -9.10 3.47 -14.29
C ASP A 22 -9.50 2.46 -15.37
N ASN A 23 -10.03 1.31 -14.97
CA ASN A 23 -10.43 0.28 -15.94
C ASN A 23 -9.29 -0.05 -16.91
N ALA A 24 -8.06 -0.07 -16.37
CA ALA A 24 -6.85 -0.17 -17.18
C ALA A 24 -6.73 -1.43 -18.03
N ILE A 25 -7.25 -2.55 -17.54
CA ILE A 25 -7.18 -3.80 -18.28
C ILE A 25 -8.18 -3.81 -19.42
N ARG A 26 -9.42 -3.43 -19.12
CA ARG A 26 -10.45 -3.26 -20.14
C ARG A 26 -9.92 -2.39 -21.26
N LEU A 27 -9.32 -1.26 -20.88
CA LEU A 27 -8.80 -0.29 -21.83
C LEU A 27 -7.53 -0.76 -22.51
N GLY A 28 -6.91 -1.82 -22.00
CA GLY A 28 -5.67 -2.32 -22.55
C GLY A 28 -5.84 -3.44 -23.56
N GLU A 29 -7.08 -3.65 -24.00
CA GLU A 29 -7.38 -4.76 -24.90
C GLU A 29 -6.65 -4.65 -26.24
N ASN A 30 -6.39 -3.41 -26.67
CA ASN A 30 -5.72 -3.19 -27.95
C ASN A 30 -4.23 -2.86 -27.80
N LYS A 31 -3.66 -3.28 -26.68
CA LYS A 31 -2.21 -3.24 -26.45
C LYS A 31 -1.63 -1.84 -26.27
N ASP A 32 -2.43 -0.92 -25.70
CA ASP A 32 -1.97 0.45 -25.46
C ASP A 32 -1.43 0.63 -24.04
N VAL A 33 -1.81 -0.26 -23.13
CA VAL A 33 -1.54 -0.04 -21.72
C VAL A 33 -0.27 -0.72 -21.22
N ILE A 34 0.46 -0.01 -20.37
CA ILE A 34 1.70 -0.51 -19.78
C ILE A 34 1.40 -1.57 -18.70
N VAL A 35 2.10 -2.69 -18.75
CA VAL A 35 1.98 -3.73 -17.72
C VAL A 35 2.47 -3.16 -16.39
N THR A 36 1.69 -3.34 -15.33
CA THR A 36 2.09 -2.85 -14.00
C THR A 36 1.77 -3.82 -12.86
N ARG A 37 2.22 -3.46 -11.66
CA ARG A 37 1.72 -4.01 -10.40
C ARG A 37 2.19 -3.12 -9.27
N GLU A 38 1.80 -3.48 -8.03
CA GLU A 38 2.09 -2.66 -6.86
C GLU A 38 1.78 -1.18 -7.10
N PRO A 39 0.53 -0.88 -7.47
CA PRO A 39 0.14 0.52 -7.71
C PRO A 39 -0.15 1.23 -6.40
N TYR A 40 -0.17 2.56 -6.43
CA TYR A 40 -0.68 3.33 -5.29
C TYR A 40 -1.03 4.74 -5.71
N VAL A 41 -1.45 5.55 -4.73
CA VAL A 41 -1.83 6.92 -4.99
C VAL A 41 -1.14 7.85 -4.01
N SER A 42 -0.76 9.03 -4.49
CA SER A 42 -0.23 10.07 -3.63
C SER A 42 -0.52 11.42 -4.28
N CYS A 43 -0.70 12.45 -3.47
CA CYS A 43 -1.14 13.75 -3.98
C CYS A 43 -0.18 14.88 -3.60
N ASP A 44 -0.03 15.84 -4.50
CA ASP A 44 0.67 17.08 -4.18
C ASP A 44 -0.36 18.19 -4.00
N ASN A 45 0.05 19.44 -4.10
CA ASN A 45 -0.85 20.57 -3.89
C ASN A 45 -1.90 20.73 -4.99
N ASP A 46 -1.61 20.24 -6.19
CA ASP A 46 -2.45 20.49 -7.35
C ASP A 46 -3.20 19.26 -7.88
N ASN A 47 -2.61 18.08 -7.72
CA ASN A 47 -3.20 16.86 -8.24
C ASN A 47 -2.92 15.64 -7.38
N CYS A 48 -3.80 14.65 -7.47
CA CYS A 48 -3.49 13.31 -7.00
C CYS A 48 -3.02 12.49 -8.19
N TRP A 49 -2.03 11.63 -7.96
CA TRP A 49 -1.43 10.85 -9.04
C TRP A 49 -1.50 9.36 -8.77
N SER A 50 -1.65 8.58 -9.84
CA SER A 50 -1.44 7.15 -9.75
C SER A 50 0.04 6.84 -9.93
N PHE A 51 0.57 5.99 -9.07
CA PHE A 51 1.93 5.49 -9.21
C PHE A 51 1.87 3.98 -9.35
N ALA A 52 2.89 3.38 -9.93
CA ALA A 52 2.94 1.94 -10.05
C ALA A 52 4.32 1.47 -10.48
N LEU A 53 4.60 0.19 -10.23
CA LEU A 53 5.81 -0.42 -10.76
C LEU A 53 5.53 -1.03 -12.13
N ALA A 54 6.02 -0.38 -13.17
CA ALA A 54 5.84 -0.86 -14.54
C ALA A 54 6.74 -2.08 -14.78
N GLN A 55 6.47 -2.82 -15.85
CA GLN A 55 7.26 -4.01 -16.18
C GLN A 55 8.04 -3.82 -17.47
N GLY A 56 8.11 -2.58 -17.95
CA GLY A 56 8.84 -2.28 -19.17
C GLY A 56 8.31 -3.01 -20.38
N ALA A 57 7.00 -3.25 -20.41
CA ALA A 57 6.36 -3.91 -21.54
C ALA A 57 4.92 -3.47 -21.66
N LEU A 58 4.38 -3.49 -22.87
CA LEU A 58 2.96 -3.20 -23.08
C LEU A 58 2.12 -4.47 -22.90
N LEU A 59 0.99 -4.31 -22.22
CA LEU A 59 0.05 -5.40 -21.96
C LEU A 59 -0.39 -6.06 -23.26
N GLY A 60 -0.20 -7.38 -23.35
CA GLY A 60 -0.65 -8.13 -24.50
C GLY A 60 0.39 -8.36 -25.57
N THR A 61 1.58 -7.78 -25.40
CA THR A 61 2.68 -8.02 -26.30
C THR A 61 3.49 -9.22 -25.81
N LYS A 62 4.42 -9.70 -26.63
CA LYS A 62 5.23 -10.86 -26.25
C LYS A 62 6.11 -10.58 -25.03
N HIS A 63 6.55 -9.34 -24.88
CA HIS A 63 7.36 -8.94 -23.73
C HIS A 63 6.58 -8.92 -22.41
N SER A 64 5.25 -9.00 -22.50
CA SER A 64 4.44 -9.03 -21.29
C SER A 64 4.29 -10.45 -20.74
N ASN A 65 4.58 -11.44 -21.59
CA ASN A 65 4.58 -12.85 -21.19
C ASN A 65 5.53 -13.07 -20.01
N GLY A 66 4.98 -13.53 -18.89
CA GLY A 66 5.79 -13.89 -17.73
C GLY A 66 6.06 -12.76 -16.75
N THR A 67 5.25 -11.71 -16.79
CA THR A 67 5.46 -10.56 -15.91
C THR A 67 5.02 -10.79 -14.46
N ILE A 68 4.70 -12.04 -14.14
CA ILE A 68 4.41 -12.41 -12.76
C ILE A 68 5.67 -12.24 -11.91
N LYS A 69 6.82 -12.34 -12.57
CA LYS A 69 8.12 -12.18 -11.90
C LYS A 69 8.24 -10.83 -11.21
N ASP A 70 8.69 -10.85 -9.95
CA ASP A 70 8.66 -9.66 -9.10
C ASP A 70 9.73 -8.63 -9.41
N ARG A 71 10.97 -9.07 -9.57
CA ARG A 71 12.07 -8.13 -9.70
C ARG A 71 12.88 -8.35 -10.98
N THR A 72 12.89 -7.32 -11.84
CA THR A 72 13.73 -7.30 -13.03
C THR A 72 14.32 -5.90 -13.16
N PRO A 73 15.35 -5.74 -14.02
CA PRO A 73 15.94 -4.43 -14.25
C PRO A 73 15.03 -3.53 -15.09
N TYR A 74 13.99 -4.11 -15.65
CA TYR A 74 13.14 -3.42 -16.62
C TYR A 74 11.90 -2.84 -15.97
N ARG A 75 11.87 -2.86 -14.64
CA ARG A 75 10.79 -2.24 -13.90
C ARG A 75 11.20 -0.84 -13.45
N SER A 76 10.28 0.09 -13.63
CA SER A 76 10.46 1.47 -13.20
C SER A 76 9.23 1.93 -12.45
N LEU A 77 9.43 2.72 -11.41
CA LEU A 77 8.33 3.46 -10.81
C LEU A 77 7.86 4.48 -11.84
N ILE A 78 6.61 4.36 -12.26
CA ILE A 78 6.02 5.32 -13.20
C ILE A 78 4.85 6.04 -12.55
N ARG A 79 4.51 7.21 -13.08
CA ARG A 79 3.43 8.04 -12.56
C ARG A 79 2.48 8.42 -13.70
N PHE A 80 1.18 8.37 -13.42
CA PHE A 80 0.18 8.73 -14.42
C PHE A 80 -1.04 9.39 -13.78
N PRO A 81 -1.80 10.17 -14.57
CA PRO A 81 -2.99 10.86 -14.05
C PRO A 81 -3.92 9.88 -13.32
N ILE A 82 -4.39 10.28 -12.14
CA ILE A 82 -5.19 9.38 -11.32
C ILE A 82 -6.47 8.98 -12.06
N GLY A 83 -6.73 7.67 -12.13
CA GLY A 83 -7.92 7.18 -12.78
C GLY A 83 -7.80 6.97 -14.28
N THR A 84 -6.66 7.34 -14.86
CA THR A 84 -6.40 6.99 -16.26
C THR A 84 -5.55 5.73 -16.34
N ALA A 85 -5.61 5.05 -17.48
CA ALA A 85 -4.73 3.91 -17.73
C ALA A 85 -3.34 4.45 -18.07
N PRO A 86 -2.29 3.72 -17.67
CA PRO A 86 -0.92 4.14 -18.01
C PRO A 86 -0.55 3.76 -19.45
N VAL A 87 -0.36 4.77 -20.28
CA VAL A 87 0.03 4.57 -21.68
C VAL A 87 1.29 5.37 -21.99
N LEU A 88 1.91 5.08 -23.11
CA LEU A 88 3.18 5.73 -23.44
C LEU A 88 2.99 7.24 -23.59
N GLY A 89 1.79 7.64 -23.98
CA GLY A 89 1.48 9.04 -24.18
C GLY A 89 1.27 9.87 -22.93
N ASN A 90 1.00 9.23 -21.80
CA ASN A 90 0.70 10.00 -20.58
C ASN A 90 1.56 9.69 -19.35
N TYR A 91 2.40 8.66 -19.42
CA TYR A 91 3.18 8.29 -18.23
C TYR A 91 4.45 9.11 -18.07
N LYS A 92 4.98 9.10 -16.85
CA LYS A 92 6.30 9.66 -16.55
C LYS A 92 7.08 8.58 -15.81
N GLU A 93 8.33 8.36 -16.22
CA GLU A 93 9.16 7.38 -15.53
C GLU A 93 9.88 8.09 -14.39
N ILE A 94 9.66 7.63 -13.18
CA ILE A 94 10.19 8.31 -12.00
C ILE A 94 11.61 7.85 -11.69
N CYS A 95 11.82 6.54 -11.69
CA CYS A 95 13.10 5.95 -11.34
C CYS A 95 13.09 4.45 -11.66
N ILE A 96 14.26 3.85 -11.74
CA ILE A 96 14.36 2.40 -11.89
C ILE A 96 14.05 1.80 -10.52
N ALA A 97 13.10 0.87 -10.47
CA ALA A 97 12.66 0.30 -9.18
C ALA A 97 11.79 -0.94 -9.31
N TRP A 98 12.08 -1.95 -8.49
CA TRP A 98 11.14 -3.05 -8.28
C TRP A 98 10.50 -3.00 -6.88
N SER A 99 10.66 -1.86 -6.21
CA SER A 99 10.00 -1.59 -4.95
C SER A 99 10.10 -0.08 -4.73
N SER A 100 9.03 0.55 -4.25
CA SER A 100 9.04 2.00 -4.15
C SER A 100 8.11 2.60 -3.12
N SER A 101 8.37 3.85 -2.79
CA SER A 101 7.48 4.68 -2.00
C SER A 101 7.58 6.10 -2.52
N SER A 102 6.50 6.86 -2.41
CA SER A 102 6.49 8.25 -2.86
C SER A 102 5.69 9.11 -1.90
N CYS A 103 6.15 10.34 -1.69
CA CYS A 103 5.40 11.28 -0.87
C CYS A 103 5.85 12.71 -1.15
N PHE A 104 4.87 13.62 -1.10
CA PHE A 104 5.08 15.04 -1.35
C PHE A 104 5.19 15.73 0.01
N ASP A 105 6.18 16.60 0.18
CA ASP A 105 6.39 17.22 1.49
C ASP A 105 5.80 18.61 1.62
N GLY A 106 5.04 19.02 0.61
CA GLY A 106 4.45 20.35 0.58
C GLY A 106 5.11 21.20 -0.48
N LYS A 107 6.40 20.95 -0.71
CA LYS A 107 7.19 21.69 -1.69
C LYS A 107 7.64 20.83 -2.87
N GLU A 108 8.18 19.65 -2.59
CA GLU A 108 8.69 18.77 -3.65
C GLU A 108 8.33 17.31 -3.39
N TRP A 109 8.45 16.49 -4.44
CA TRP A 109 8.22 15.06 -4.33
C TRP A 109 9.47 14.32 -3.88
N MET A 110 9.29 13.33 -3.01
CA MET A 110 10.37 12.41 -2.68
C MET A 110 10.00 11.01 -3.14
N HIS A 111 10.98 10.27 -3.65
CA HIS A 111 10.76 8.90 -4.05
C HIS A 111 11.85 8.00 -3.49
N VAL A 112 11.47 6.78 -3.13
CA VAL A 112 12.43 5.77 -2.70
C VAL A 112 12.34 4.59 -3.67
N CYS A 113 13.45 4.28 -4.33
CA CYS A 113 13.45 3.31 -5.44
C CYS A 113 14.51 2.23 -5.24
N MET A 114 14.06 0.99 -5.03
CA MET A 114 14.98 -0.13 -4.89
C MET A 114 15.18 -0.85 -6.22
N THR A 115 16.42 -1.12 -6.57
CA THR A 115 16.72 -1.93 -7.75
C THR A 115 18.09 -2.59 -7.64
N GLY A 116 18.40 -3.51 -8.55
CA GLY A 116 19.67 -4.22 -8.53
C GLY A 116 19.54 -5.68 -8.10
N ASN A 117 20.68 -6.36 -7.95
CA ASN A 117 20.68 -7.75 -7.52
C ASN A 117 20.01 -7.95 -6.17
N ASP A 118 19.37 -9.10 -5.98
CA ASP A 118 18.67 -9.37 -4.73
C ASP A 118 19.60 -9.28 -3.53
N ASN A 119 20.85 -9.71 -3.71
CA ASN A 119 21.81 -9.75 -2.61
C ASN A 119 22.69 -8.49 -2.50
N ASP A 120 22.39 -7.47 -3.28
CA ASP A 120 23.19 -6.25 -3.28
C ASP A 120 22.43 -5.06 -3.83
N ALA A 121 21.14 -4.99 -3.51
CA ALA A 121 20.30 -3.91 -4.00
C ALA A 121 20.65 -2.59 -3.30
N SER A 122 20.23 -1.49 -3.91
CA SER A 122 20.34 -0.19 -3.27
C SER A 122 19.05 0.59 -3.48
N ALA A 123 18.76 1.50 -2.55
CA ALA A 123 17.60 2.37 -2.67
C ALA A 123 18.06 3.79 -3.03
N GLN A 124 17.51 4.33 -4.10
CA GLN A 124 17.84 5.69 -4.50
C GLN A 124 16.81 6.64 -3.92
N ILE A 125 17.29 7.73 -3.32
CA ILE A 125 16.41 8.78 -2.84
C ILE A 125 16.35 9.90 -3.88
N ILE A 126 15.16 10.14 -4.41
CA ILE A 126 14.95 11.20 -5.39
C ILE A 126 14.19 12.34 -4.72
N TYR A 127 14.67 13.57 -4.89
CA TYR A 127 14.01 14.74 -4.33
C TYR A 127 13.97 15.88 -5.34
N GLY A 128 12.77 16.30 -5.72
CA GLY A 128 12.62 17.32 -6.74
C GLY A 128 13.26 16.92 -8.05
N GLY A 129 13.19 15.63 -8.38
CA GLY A 129 13.74 15.14 -9.63
C GLY A 129 15.21 14.77 -9.58
N ARG A 130 15.89 15.14 -8.51
CA ARG A 130 17.32 14.87 -8.36
C ARG A 130 17.62 13.71 -7.41
N MET A 131 18.53 12.83 -7.79
CA MET A 131 18.95 11.76 -6.89
C MET A 131 19.84 12.36 -5.81
N THR A 132 19.38 12.34 -4.57
CA THR A 132 20.03 13.08 -3.49
C THR A 132 20.71 12.19 -2.44
N ASP A 133 20.29 10.94 -2.36
CA ASP A 133 20.88 10.02 -1.39
C ASP A 133 20.63 8.57 -1.78
N SER A 134 21.11 7.65 -0.95
CA SER A 134 20.94 6.22 -1.21
C SER A 134 20.98 5.38 0.06
N ILE A 135 20.44 4.17 -0.03
CA ILE A 135 20.57 3.18 1.03
C ILE A 135 21.13 1.91 0.43
N LYS A 136 22.21 1.41 1.01
CA LYS A 136 22.80 0.17 0.53
C LYS A 136 22.28 -0.99 1.37
N SER A 137 21.90 -2.07 0.71
CA SER A 137 21.40 -3.26 1.40
C SER A 137 22.38 -3.70 2.47
N TRP A 138 21.89 -3.86 3.71
CA TRP A 138 22.75 -4.24 4.83
C TRP A 138 22.57 -5.69 5.27
N ARG A 139 21.45 -6.31 4.90
CA ARG A 139 21.23 -7.75 5.14
C ARG A 139 21.42 -8.51 3.84
N LYS A 140 21.58 -7.77 2.75
CA LYS A 140 21.80 -8.37 1.45
C LYS A 140 20.72 -9.39 1.11
N ASP A 141 19.47 -9.01 1.31
CA ASP A 141 18.36 -9.94 1.07
C ASP A 141 17.09 -9.18 0.64
N ILE A 142 17.15 -8.62 -0.57
CA ILE A 142 16.00 -7.95 -1.17
C ILE A 142 15.56 -6.73 -0.36
N LEU A 143 16.46 -5.75 -0.24
CA LEU A 143 16.09 -4.46 0.32
C LEU A 143 14.81 -3.99 -0.37
N ARG A 144 13.81 -3.59 0.42
CA ARG A 144 12.49 -3.28 -0.12
C ARG A 144 11.71 -2.32 0.76
N THR A 145 10.63 -1.78 0.24
CA THR A 145 9.88 -0.74 0.96
C THR A 145 8.36 -0.85 0.73
N GLN A 146 7.64 0.23 1.06
CA GLN A 146 6.19 0.21 1.28
C GLN A 146 5.26 -0.24 0.14
N GLU A 147 5.54 0.22 -1.08
CA GLU A 147 4.63 0.05 -2.22
C GLU A 147 3.38 0.94 -2.05
N SER A 148 3.51 1.99 -1.25
CA SER A 148 2.47 3.01 -1.12
C SER A 148 3.08 4.30 -0.59
N GLU A 149 2.29 5.36 -0.50
CA GLU A 149 2.85 6.68 -0.17
C GLU A 149 3.47 6.77 1.22
N CYS A 150 4.62 7.41 1.30
CA CYS A 150 5.20 7.75 2.60
C CYS A 150 4.51 9.00 3.15
N GLN A 151 5.01 9.52 4.27
CA GLN A 151 4.41 10.69 4.88
C GLN A 151 5.49 11.66 5.31
N CYS A 152 5.18 12.95 5.21
CA CYS A 152 6.12 14.01 5.54
C CYS A 152 5.47 15.00 6.49
N ILE A 153 6.19 15.36 7.54
CA ILE A 153 5.69 16.33 8.50
C ILE A 153 6.72 17.43 8.75
N ASP A 154 6.32 18.67 8.52
CA ASP A 154 7.20 19.81 8.74
C ASP A 154 8.54 19.69 8.00
N GLY A 155 8.54 19.02 6.86
CA GLY A 155 9.73 18.95 6.03
C GLY A 155 10.48 17.63 6.13
N THR A 156 10.17 16.83 7.13
CA THR A 156 10.82 15.56 7.34
C THR A 156 9.91 14.40 6.93
N CYS A 157 10.35 13.62 5.95
CA CYS A 157 9.58 12.48 5.46
C CYS A 157 9.98 11.19 6.17
N VAL A 158 9.00 10.31 6.37
CA VAL A 158 9.23 9.04 7.04
C VAL A 158 8.85 7.88 6.15
N VAL A 159 9.70 6.86 6.12
CA VAL A 159 9.48 5.70 5.26
C VAL A 159 9.96 4.40 5.91
N ALA A 160 9.17 3.34 5.78
CA ALA A 160 9.54 2.05 6.36
C ALA A 160 10.21 1.16 5.33
N VAL A 161 11.26 0.48 5.76
CA VAL A 161 12.11 -0.31 4.88
C VAL A 161 12.48 -1.65 5.51
N THR A 162 12.54 -2.69 4.69
CA THR A 162 12.83 -4.03 5.16
C THR A 162 13.94 -4.66 4.35
N ASP A 163 14.83 -5.37 5.03
CA ASP A 163 15.88 -6.15 4.39
C ASP A 163 16.03 -7.45 5.17
N GLY A 164 15.79 -8.57 4.50
CA GLY A 164 15.86 -9.86 5.16
C GLY A 164 14.86 -10.87 4.61
N PRO A 165 14.76 -12.03 5.26
CA PRO A 165 13.85 -13.09 4.82
C PRO A 165 12.38 -12.64 4.79
N ALA A 166 11.63 -13.18 3.83
CA ALA A 166 10.23 -12.83 3.67
C ALA A 166 9.32 -13.67 4.57
N ALA A 167 9.83 -14.81 5.02
CA ALA A 167 9.07 -15.73 5.87
C ALA A 167 9.84 -16.13 7.11
N ASN A 168 10.67 -15.22 7.61
CA ASN A 168 11.42 -15.45 8.83
C ASN A 168 11.85 -14.11 9.42
N SER A 169 12.59 -14.17 10.53
CA SER A 169 13.06 -12.97 11.19
C SER A 169 13.87 -12.12 10.21
N ALA A 170 13.56 -10.83 10.11
CA ALA A 170 14.25 -9.92 9.21
C ALA A 170 14.58 -8.62 9.91
N ASP A 171 15.13 -7.67 9.17
CA ASP A 171 15.43 -6.34 9.71
C ASP A 171 14.42 -5.33 9.18
N TYR A 172 13.87 -4.52 10.07
CA TYR A 172 12.92 -3.49 9.69
C TYR A 172 13.38 -2.15 10.24
N ARG A 173 13.45 -1.15 9.38
CA ARG A 173 13.89 0.17 9.78
C ARG A 173 12.93 1.26 9.33
N VAL A 174 12.97 2.39 10.04
CA VAL A 174 12.34 3.61 9.56
C VAL A 174 13.43 4.62 9.28
N TYR A 175 13.34 5.26 8.12
CA TYR A 175 14.29 6.31 7.76
C TYR A 175 13.61 7.68 7.79
N TRP A 176 14.28 8.66 8.38
CA TRP A 176 13.84 10.04 8.31
C TRP A 176 14.67 10.75 7.26
N ILE A 177 14.00 11.41 6.33
CA ILE A 177 14.68 12.07 5.22
C ILE A 177 14.13 13.49 5.07
N ARG A 178 15.03 14.45 4.98
CA ARG A 178 14.64 15.85 4.87
C ARG A 178 15.25 16.48 3.62
N GLU A 179 14.39 16.91 2.70
CA GLU A 179 14.85 17.44 1.43
C GLU A 179 15.78 16.48 0.70
N GLY A 180 15.50 15.19 0.81
CA GLY A 180 16.24 14.19 0.06
C GLY A 180 17.46 13.62 0.76
N LYS A 181 17.85 14.21 1.87
CA LYS A 181 19.00 13.73 2.63
C LYS A 181 18.60 12.93 3.87
N ILE A 182 19.12 11.72 3.96
CA ILE A 182 18.85 10.85 5.09
C ILE A 182 19.38 11.50 6.37
N ILE A 183 18.49 11.74 7.32
CA ILE A 183 18.86 12.35 8.59
C ILE A 183 19.27 11.28 9.60
N LYS A 184 18.45 10.23 9.70
CA LYS A 184 18.73 9.11 10.59
C LYS A 184 17.84 7.94 10.24
N TYR A 185 18.10 6.80 10.87
CA TYR A 185 17.18 5.67 10.83
C TYR A 185 17.09 5.03 12.22
N GLU A 186 16.07 4.22 12.45
CA GLU A 186 15.94 3.44 13.67
C GLU A 186 15.57 2.01 13.31
N ASN A 187 16.15 1.04 14.00
CA ASN A 187 15.66 -0.32 13.87
C ASN A 187 14.34 -0.42 14.62
N VAL A 188 13.30 -0.91 13.95
CA VAL A 188 12.01 -1.08 14.58
C VAL A 188 12.11 -2.07 15.74
N PRO A 189 11.65 -1.66 16.94
CA PRO A 189 11.68 -2.55 18.12
C PRO A 189 10.93 -3.85 17.84
N LYS A 190 11.52 -4.97 18.25
CA LYS A 190 10.90 -6.28 18.07
C LYS A 190 10.24 -6.77 19.36
N THR A 191 9.96 -5.82 20.26
CA THR A 191 9.26 -6.15 21.51
C THR A 191 7.84 -6.65 21.24
N LYS A 192 7.24 -6.19 20.15
CA LYS A 192 5.90 -6.64 19.75
C LYS A 192 5.92 -7.15 18.31
N ILE A 193 6.32 -6.28 17.40
CA ILE A 193 6.39 -6.63 15.97
C ILE A 193 7.45 -7.70 15.71
N GLN A 194 7.05 -8.77 15.04
CA GLN A 194 7.96 -9.87 14.72
C GLN A 194 8.28 -9.97 13.22
N HIS A 195 7.44 -9.34 12.40
CA HIS A 195 7.67 -9.29 10.96
C HIS A 195 6.93 -8.09 10.38
N LEU A 196 7.57 -7.39 9.44
CA LEU A 196 7.00 -6.17 8.90
C LEU A 196 7.33 -5.99 7.42
N GLU A 197 6.28 -5.80 6.62
CA GLU A 197 6.42 -5.59 5.19
C GLU A 197 5.39 -4.56 4.72
N GLU A 198 5.70 -3.88 3.61
CA GLU A 198 4.72 -3.11 2.85
C GLU A 198 3.77 -2.26 3.70
N CYS A 199 4.35 -1.36 4.49
CA CYS A 199 3.57 -0.50 5.38
C CYS A 199 2.68 0.49 4.63
N SER A 200 1.42 0.55 5.03
CA SER A 200 0.48 1.55 4.55
C SER A 200 0.33 2.64 5.61
N CYS A 201 0.74 3.86 5.27
CA CYS A 201 0.83 4.91 6.28
C CYS A 201 -0.05 6.13 5.98
N TYR A 202 -0.34 6.89 7.03
CA TYR A 202 -1.12 8.12 6.92
C TYR A 202 -0.80 9.01 8.11
N VAL A 203 -1.29 10.24 8.08
CA VAL A 203 -1.05 11.18 9.17
C VAL A 203 -2.32 11.44 9.98
N ASP A 204 -2.18 11.36 11.31
CA ASP A 204 -3.23 11.75 12.24
C ASP A 204 -2.53 12.40 13.42
N ILE A 205 -2.07 13.63 13.20
CA ILE A 205 -1.06 14.29 14.04
C ILE A 205 0.31 13.63 13.81
N ASP A 206 0.44 12.37 14.25
CA ASP A 206 1.64 11.60 14.00
C ASP A 206 1.41 10.68 12.80
N VAL A 207 2.49 10.09 12.30
CA VAL A 207 2.39 9.11 11.21
C VAL A 207 2.01 7.75 11.76
N TYR A 208 0.91 7.18 11.27
CA TYR A 208 0.54 5.82 11.62
C TYR A 208 0.77 4.88 10.45
N CYS A 209 1.44 3.76 10.69
CA CYS A 209 1.65 2.77 9.64
C CYS A 209 1.03 1.44 10.03
N ILE A 210 0.18 0.91 9.16
CA ILE A 210 -0.38 -0.42 9.36
C ILE A 210 0.15 -1.32 8.25
N CYS A 211 0.80 -2.42 8.63
CA CYS A 211 1.64 -3.15 7.69
C CYS A 211 1.23 -4.60 7.49
N ARG A 212 2.17 -5.38 6.94
CA ARG A 212 1.96 -6.78 6.63
C ARG A 212 3.01 -7.65 7.33
N ASP A 213 2.54 -8.55 8.19
CA ASP A 213 3.42 -9.53 8.82
C ASP A 213 3.32 -10.76 7.93
N ASN A 214 4.43 -11.15 7.30
CA ASN A 214 4.39 -12.23 6.32
C ASN A 214 4.78 -13.58 6.90
N TRP A 215 4.85 -13.65 8.23
CA TRP A 215 5.47 -14.79 8.90
C TRP A 215 4.51 -15.52 9.86
N LYS A 216 4.22 -14.89 11.00
CA LYS A 216 3.40 -15.54 12.03
C LYS A 216 2.09 -14.84 12.33
N GLY A 217 1.88 -13.65 11.75
CA GLY A 217 0.71 -12.87 12.12
C GLY A 217 -0.37 -12.74 11.06
N SER A 218 -1.56 -13.21 11.36
CA SER A 218 -2.74 -12.97 10.52
C SER A 218 -3.35 -11.62 10.89
N ASN A 219 -2.93 -11.09 12.04
CA ASN A 219 -3.21 -9.72 12.41
C ASN A 219 -2.12 -8.82 11.84
N ARG A 220 -2.41 -7.52 11.74
CA ARG A 220 -1.46 -6.59 11.12
C ARG A 220 -0.64 -5.80 12.14
N PRO A 221 0.69 -5.78 11.96
CA PRO A 221 1.59 -5.00 12.82
C PRO A 221 1.44 -3.51 12.54
N TRP A 222 1.67 -2.66 13.53
CA TRP A 222 1.53 -1.22 13.32
C TRP A 222 2.57 -0.38 14.05
N MET A 223 2.82 0.81 13.53
CA MET A 223 3.74 1.75 14.14
C MET A 223 3.11 3.14 14.22
N ARG A 224 3.53 3.91 15.21
CA ARG A 224 3.19 5.32 15.32
C ARG A 224 4.50 6.09 15.38
N ILE A 225 4.65 7.08 14.50
CA ILE A 225 5.93 7.74 14.32
C ILE A 225 5.77 9.26 14.22
N ASN A 226 6.66 10.02 14.84
CA ASN A 226 6.73 11.45 14.57
C ASN A 226 7.96 11.79 13.73
N ASN A 227 8.27 13.08 13.62
CA ASN A 227 9.37 13.52 12.76
C ASN A 227 10.77 13.26 13.34
N GLU A 228 10.81 12.56 14.47
CA GLU A 228 12.07 12.33 15.18
C GLU A 228 12.32 10.87 15.55
N THR A 229 11.28 10.13 15.91
CA THR A 229 11.47 8.78 16.44
C THR A 229 10.21 7.91 16.29
N ILE A 230 10.37 6.61 16.54
CA ILE A 230 9.22 5.71 16.66
C ILE A 230 8.67 5.84 18.06
N LEU A 231 7.38 6.14 18.17
CA LEU A 231 6.75 6.42 19.45
C LEU A 231 6.09 5.19 20.06
N GLU A 232 5.55 4.32 19.20
CA GLU A 232 4.73 3.21 19.66
C GLU A 232 4.69 2.13 18.59
N THR A 233 4.53 0.87 19.02
CA THR A 233 4.32 -0.24 18.09
C THR A 233 3.34 -1.25 18.66
N GLY A 234 2.92 -2.19 17.82
CA GLY A 234 2.03 -3.26 18.24
C GLY A 234 1.38 -3.97 17.07
N TYR A 235 0.37 -4.76 17.35
CA TYR A 235 -0.49 -5.34 16.32
C TYR A 235 -1.90 -4.84 16.56
N VAL A 236 -2.71 -4.77 15.50
CA VAL A 236 -4.08 -4.30 15.64
C VAL A 236 -4.85 -5.25 16.56
N CYS A 237 -5.42 -4.70 17.62
CA CYS A 237 -6.10 -5.50 18.64
C CYS A 237 -7.29 -6.28 18.07
N SER A 238 -7.97 -5.68 17.11
CA SER A 238 -9.18 -6.27 16.53
C SER A 238 -9.11 -7.79 16.42
N LYS A 239 -10.02 -8.48 17.10
CA LYS A 239 -10.12 -9.93 17.01
C LYS A 239 -10.64 -10.34 15.64
N PHE A 240 -11.09 -9.34 14.88
CA PHE A 240 -11.42 -9.55 13.48
C PHE A 240 -10.21 -9.16 12.65
N HIS A 241 -9.46 -10.18 12.20
CA HIS A 241 -8.19 -9.98 11.52
C HIS A 241 -8.38 -9.48 10.09
N SER A 242 -7.32 -8.89 9.52
CA SER A 242 -7.44 -8.23 8.22
C SER A 242 -6.33 -8.55 7.21
N ASP A 243 -5.51 -9.56 7.50
CA ASP A 243 -4.55 -10.03 6.52
C ASP A 243 -5.19 -11.14 5.68
N THR A 244 -4.49 -11.55 4.64
CA THR A 244 -4.87 -12.72 3.84
C THR A 244 -3.63 -13.54 3.58
N PRO A 245 -3.62 -14.81 4.00
CA PRO A 245 -4.70 -15.57 4.63
C PRO A 245 -4.94 -15.15 6.08
N ARG A 246 -6.06 -15.59 6.65
CA ARG A 246 -6.39 -15.30 8.04
C ARG A 246 -7.45 -16.28 8.51
N PRO A 247 -7.64 -16.39 9.84
CA PRO A 247 -8.71 -17.20 10.43
C PRO A 247 -10.09 -16.58 10.19
N ALA A 248 -11.13 -17.39 10.29
CA ALA A 248 -12.50 -16.90 10.25
C ALA A 248 -12.80 -16.02 11.45
N ASP A 249 -13.71 -15.06 11.30
CA ASP A 249 -14.19 -14.25 12.41
C ASP A 249 -15.02 -15.11 13.36
N PRO A 250 -14.86 -14.89 14.69
CA PRO A 250 -13.86 -14.01 15.27
C PRO A 250 -12.59 -14.79 15.58
N SER A 251 -11.45 -14.11 15.62
CA SER A 251 -10.21 -14.78 15.96
C SER A 251 -9.68 -14.25 17.29
N THR A 252 -8.36 -14.28 17.47
CA THR A 252 -7.76 -13.82 18.73
C THR A 252 -7.56 -12.30 18.78
N MET A 253 -7.74 -11.73 19.97
CA MET A 253 -7.41 -10.34 20.21
C MET A 253 -5.94 -10.24 20.58
N SER A 254 -5.10 -9.90 19.61
CA SER A 254 -3.66 -9.91 19.81
C SER A 254 -3.08 -8.52 19.60
N CYS A 255 -3.07 -7.72 20.67
CA CYS A 255 -2.60 -6.34 20.59
C CYS A 255 -1.09 -6.22 20.57
N ASP A 256 -0.40 -7.26 21.02
CA ASP A 256 1.01 -7.14 21.41
C ASP A 256 1.93 -8.15 20.71
N SER A 257 1.36 -8.99 19.87
CA SER A 257 2.15 -10.02 19.19
C SER A 257 1.40 -10.62 18.01
N PRO A 258 2.11 -11.32 17.12
CA PRO A 258 1.43 -11.99 16.01
C PRO A 258 0.47 -13.07 16.50
N SER A 259 -0.59 -13.33 15.75
CA SER A 259 -1.62 -14.28 16.16
C SER A 259 -1.08 -15.71 16.25
N ASN A 260 -0.12 -16.03 15.40
CA ASN A 260 0.40 -17.40 15.30
C ASN A 260 -0.58 -18.38 14.67
N VAL A 261 -1.60 -17.85 13.99
CA VAL A 261 -2.55 -18.68 13.27
C VAL A 261 -2.72 -18.17 11.84
N ASN A 262 -2.67 -19.07 10.86
CA ASN A 262 -2.71 -18.69 9.45
C ASN A 262 -1.74 -17.54 9.19
N GLY A 263 -0.55 -17.64 9.78
CA GLY A 263 0.40 -16.55 9.82
C GLY A 263 1.05 -16.15 8.51
N GLY A 264 1.27 -17.10 7.61
CA GLY A 264 1.94 -16.81 6.36
C GLY A 264 1.16 -17.33 5.16
N PRO A 265 1.28 -16.65 4.01
CA PRO A 265 2.12 -15.46 3.81
C PRO A 265 1.41 -14.17 4.21
N GLY A 266 0.76 -13.49 3.27
CA GLY A 266 0.09 -12.24 3.58
C GLY A 266 -0.19 -11.41 2.34
N VAL A 267 -0.76 -10.22 2.55
CA VAL A 267 -1.04 -9.28 1.49
C VAL A 267 -0.93 -7.85 2.03
N LYS A 268 -0.46 -6.93 1.21
CA LYS A 268 -0.39 -5.53 1.65
C LYS A 268 -1.80 -5.01 1.87
N GLY A 269 -2.01 -4.40 3.04
CA GLY A 269 -3.31 -3.84 3.38
C GLY A 269 -3.14 -2.56 4.17
N PHE A 270 -4.24 -2.05 4.71
CA PHE A 270 -4.21 -0.76 5.41
C PHE A 270 -5.26 -0.74 6.49
N GLY A 271 -5.28 0.35 7.25
CA GLY A 271 -6.32 0.59 8.24
C GLY A 271 -6.32 2.04 8.68
N PHE A 272 -7.36 2.45 9.40
CA PHE A 272 -7.41 3.79 9.99
C PHE A 272 -7.90 3.71 11.43
N LYS A 273 -7.06 4.14 12.37
CA LYS A 273 -7.49 4.30 13.74
C LYS A 273 -8.48 5.46 13.81
N ALA A 274 -9.56 5.27 14.55
CA ALA A 274 -10.57 6.31 14.74
C ALA A 274 -11.02 6.30 16.20
N GLY A 275 -10.42 7.16 17.01
CA GLY A 275 -10.62 7.08 18.45
C GLY A 275 -10.08 5.74 18.91
N ASP A 276 -10.90 5.00 19.67
CA ASP A 276 -10.52 3.66 20.09
C ASP A 276 -10.94 2.60 19.06
N ASP A 277 -11.65 3.02 18.02
CA ASP A 277 -12.10 2.11 16.97
C ASP A 277 -11.04 1.97 15.87
N VAL A 278 -11.23 1.00 15.00
CA VAL A 278 -10.35 0.85 13.83
C VAL A 278 -11.11 0.39 12.58
N TRP A 279 -10.82 1.04 11.45
CA TRP A 279 -11.32 0.59 10.16
C TRP A 279 -10.25 -0.27 9.51
N LEU A 280 -10.66 -1.41 8.95
CA LEU A 280 -9.72 -2.32 8.34
C LEU A 280 -10.20 -2.78 6.97
N GLY A 281 -9.34 -2.59 5.96
CA GLY A 281 -9.61 -3.15 4.65
C GLY A 281 -9.21 -4.61 4.64
N ARG A 282 -9.86 -5.39 3.79
CA ARG A 282 -9.47 -6.79 3.60
C ARG A 282 -10.17 -7.44 2.42
N THR A 283 -9.58 -8.51 1.91
CA THR A 283 -10.25 -9.31 0.92
C THR A 283 -11.46 -9.98 1.59
N VAL A 284 -12.51 -10.23 0.81
CA VAL A 284 -13.68 -10.94 1.33
C VAL A 284 -13.32 -12.39 1.68
N SER A 285 -12.52 -13.02 0.83
CA SER A 285 -12.05 -14.38 1.09
C SER A 285 -11.02 -14.36 2.22
N THR A 286 -11.01 -15.42 3.03
CA THR A 286 -10.03 -15.53 4.11
C THR A 286 -8.77 -16.21 3.62
N SER A 287 -8.82 -16.77 2.41
CA SER A 287 -7.70 -17.54 1.89
C SER A 287 -7.11 -16.95 0.62
N GLY A 288 -7.94 -16.33 -0.20
CA GLY A 288 -7.51 -15.84 -1.50
C GLY A 288 -7.64 -14.35 -1.68
N ARG A 289 -7.02 -13.85 -2.75
CA ARG A 289 -7.06 -12.42 -3.05
C ARG A 289 -8.25 -12.07 -3.94
N SER A 290 -9.44 -12.38 -3.46
CA SER A 290 -10.67 -12.08 -4.17
C SER A 290 -11.59 -11.24 -3.31
N GLY A 291 -12.29 -10.31 -3.93
CA GLY A 291 -13.22 -9.44 -3.24
C GLY A 291 -12.50 -8.40 -2.42
N PHE A 292 -13.22 -7.36 -2.00
CA PHE A 292 -12.66 -6.39 -1.08
C PHE A 292 -13.75 -5.72 -0.25
N GLU A 293 -13.49 -5.63 1.04
CA GLU A 293 -14.43 -5.00 1.97
C GLU A 293 -13.64 -4.15 2.94
N ILE A 294 -14.30 -3.22 3.60
CA ILE A 294 -13.69 -2.50 4.70
C ILE A 294 -14.62 -2.54 5.91
N ILE A 295 -14.10 -2.95 7.05
CA ILE A 295 -14.91 -3.08 8.25
C ILE A 295 -14.52 -2.04 9.28
N LYS A 296 -15.49 -1.56 10.03
CA LYS A 296 -15.20 -0.76 11.21
C LYS A 296 -15.43 -1.63 12.45
N VAL A 297 -14.40 -1.77 13.27
CA VAL A 297 -14.49 -2.55 14.49
C VAL A 297 -14.60 -1.64 15.71
N THR A 298 -15.70 -1.74 16.44
CA THR A 298 -15.87 -0.93 17.64
C THR A 298 -14.83 -1.33 18.69
N GLU A 299 -14.06 -0.34 19.15
CA GLU A 299 -12.99 -0.56 20.13
C GLU A 299 -11.89 -1.51 19.63
N GLY A 300 -11.80 -1.64 18.31
CA GLY A 300 -10.84 -2.56 17.70
C GLY A 300 -9.39 -2.12 17.79
N TRP A 301 -9.16 -0.88 18.22
CA TRP A 301 -7.78 -0.40 18.37
C TRP A 301 -7.19 -0.73 19.74
N ILE A 302 -8.04 -1.10 20.69
CA ILE A 302 -7.61 -1.25 22.07
C ILE A 302 -7.93 -2.64 22.64
N ASN A 303 -7.32 -2.93 23.78
CA ASN A 303 -7.59 -4.19 24.49
C ASN A 303 -8.96 -4.12 25.14
N SER A 304 -9.93 -4.79 24.54
CA SER A 304 -11.31 -4.71 25.00
C SER A 304 -12.06 -5.99 24.70
N PRO A 305 -13.05 -6.31 25.54
CA PRO A 305 -13.91 -7.48 25.28
C PRO A 305 -15.09 -7.11 24.39
N ASN A 306 -15.17 -5.85 23.97
CA ASN A 306 -16.35 -5.35 23.27
C ASN A 306 -16.23 -5.22 21.75
N HIS A 307 -15.21 -5.83 21.15
CA HIS A 307 -15.02 -5.75 19.70
C HIS A 307 -16.27 -6.22 18.95
N VAL A 308 -16.75 -5.40 18.03
CA VAL A 308 -17.85 -5.77 17.15
C VAL A 308 -17.72 -5.07 15.80
N LYS A 309 -17.95 -5.79 14.72
CA LYS A 309 -17.98 -5.19 13.39
C LYS A 309 -19.24 -4.37 13.23
N SER A 310 -19.16 -3.07 13.51
CA SER A 310 -20.32 -2.18 13.44
C SER A 310 -20.69 -1.86 11.99
N ILE A 311 -19.70 -1.94 11.10
CA ILE A 311 -19.95 -1.67 9.69
C ILE A 311 -19.16 -2.61 8.78
N THR A 312 -19.76 -2.98 7.67
CA THR A 312 -19.07 -3.72 6.61
C THR A 312 -19.49 -3.18 5.26
N GLN A 313 -18.56 -2.51 4.57
CA GLN A 313 -18.82 -2.06 3.20
C GLN A 313 -18.18 -3.04 2.23
N THR A 314 -19.00 -3.67 1.39
CA THR A 314 -18.48 -4.58 0.37
C THR A 314 -18.32 -3.81 -0.94
N LEU A 315 -17.07 -3.59 -1.34
CA LEU A 315 -16.75 -2.71 -2.46
C LEU A 315 -16.34 -3.48 -3.72
N VAL A 316 -15.78 -4.67 -3.54
CA VAL A 316 -15.54 -5.57 -4.66
C VAL A 316 -16.08 -6.95 -4.28
N SER A 317 -16.91 -7.53 -5.15
CA SER A 317 -17.52 -8.82 -4.86
C SER A 317 -16.48 -9.92 -4.75
N ASN A 318 -16.79 -10.97 -3.99
CA ASN A 318 -15.89 -12.10 -3.85
C ASN A 318 -15.77 -12.91 -5.13
N ASN A 319 -16.62 -12.57 -6.11
CA ASN A 319 -16.55 -13.19 -7.43
C ASN A 319 -15.50 -12.50 -8.31
N ASP A 320 -14.88 -11.45 -7.77
CA ASP A 320 -13.92 -10.67 -8.53
C ASP A 320 -12.57 -10.62 -7.83
N TRP A 321 -11.51 -10.52 -8.62
CA TRP A 321 -10.14 -10.51 -8.10
C TRP A 321 -9.79 -9.15 -7.51
N SER A 322 -9.12 -9.17 -6.36
CA SER A 322 -8.57 -7.96 -5.79
C SER A 322 -7.04 -8.05 -5.78
N GLY A 323 -6.42 -7.69 -4.65
CA GLY A 323 -4.97 -7.64 -4.55
C GLY A 323 -4.54 -6.70 -3.45
N TYR A 324 -3.45 -5.97 -3.68
CA TYR A 324 -2.95 -5.01 -2.70
C TYR A 324 -3.94 -3.88 -2.42
N SER A 325 -3.78 -3.24 -1.28
CA SER A 325 -4.50 -2.01 -0.97
C SER A 325 -3.65 -1.18 -0.04
N GLY A 326 -3.92 0.13 0.02
CA GLY A 326 -3.09 1.02 0.78
C GLY A 326 -3.72 2.37 1.01
N SER A 327 -3.27 3.06 2.05
CA SER A 327 -3.81 4.34 2.42
C SER A 327 -3.11 5.50 1.71
N PHE A 328 -3.85 6.58 1.51
CA PHE A 328 -3.26 7.86 1.14
C PHE A 328 -4.16 8.96 1.69
N ILE A 329 -3.61 10.15 1.86
CA ILE A 329 -4.37 11.25 2.42
C ILE A 329 -4.48 12.42 1.46
N VAL A 330 -5.54 13.22 1.65
CA VAL A 330 -5.74 14.43 0.86
C VAL A 330 -6.03 15.57 1.84
N LYS A 331 -5.26 16.65 1.76
CA LYS A 331 -5.43 17.73 2.71
C LYS A 331 -6.81 18.37 2.59
N ALA A 332 -7.46 18.60 3.73
CA ALA A 332 -8.80 19.16 3.75
C ALA A 332 -8.89 20.32 4.74
N LYS A 333 -8.28 21.45 4.40
CA LYS A 333 -8.31 22.63 5.26
C LYS A 333 -7.44 22.41 6.50
N ASP A 334 -8.06 21.95 7.58
CA ASP A 334 -7.34 21.72 8.84
C ASP A 334 -7.37 20.27 9.31
N CYS A 335 -7.62 19.35 8.38
CA CYS A 335 -7.48 17.92 8.66
C CYS A 335 -7.12 17.16 7.39
N PHE A 336 -6.66 15.93 7.55
CA PHE A 336 -6.36 15.07 6.41
C PHE A 336 -7.50 14.09 6.15
N GLN A 337 -7.97 14.04 4.91
CA GLN A 337 -9.02 13.11 4.54
C GLN A 337 -8.40 11.74 4.25
N PRO A 338 -8.90 10.70 4.92
CA PRO A 338 -8.39 9.35 4.67
C PRO A 338 -9.00 8.74 3.42
N CYS A 339 -8.15 8.21 2.55
CA CYS A 339 -8.60 7.54 1.33
C CYS A 339 -7.81 6.25 1.17
N PHE A 340 -8.20 5.42 0.21
CA PHE A 340 -7.41 4.24 -0.12
C PHE A 340 -7.60 3.76 -1.56
N TYR A 341 -6.62 3.03 -2.07
CA TYR A 341 -6.71 2.43 -3.38
C TYR A 341 -6.79 0.92 -3.20
N VAL A 342 -7.35 0.23 -4.18
CA VAL A 342 -7.29 -1.22 -4.20
C VAL A 342 -6.71 -1.67 -5.52
N GLU A 343 -5.72 -2.55 -5.46
CA GLU A 343 -5.14 -3.15 -6.65
C GLU A 343 -6.02 -4.32 -7.12
N LEU A 344 -6.42 -4.28 -8.37
CA LEU A 344 -7.23 -5.36 -8.93
C LEU A 344 -6.38 -6.17 -9.90
N ILE A 345 -5.81 -7.26 -9.39
CA ILE A 345 -4.84 -8.04 -10.15
C ILE A 345 -5.50 -8.99 -11.14
N ARG A 346 -5.07 -8.91 -12.40
CA ARG A 346 -5.56 -9.81 -13.44
C ARG A 346 -4.39 -10.58 -14.05
N GLY A 347 -4.65 -11.78 -14.54
CA GLY A 347 -3.61 -12.64 -15.08
C GLY A 347 -3.02 -13.58 -14.04
N ARG A 348 -1.82 -14.09 -14.32
CA ARG A 348 -1.19 -15.09 -13.47
C ARG A 348 -0.90 -14.55 -12.06
N PRO A 349 -1.12 -15.39 -11.03
CA PRO A 349 -1.50 -16.79 -11.17
C PRO A 349 -3.00 -17.04 -10.96
N ASN A 350 -3.83 -16.03 -11.18
CA ASN A 350 -5.26 -16.14 -10.91
C ASN A 350 -5.96 -17.25 -11.68
N LYS A 351 -6.70 -18.08 -10.98
CA LYS A 351 -7.40 -19.21 -11.58
C LYS A 351 -8.38 -18.77 -12.67
N ASN A 352 -8.23 -19.36 -13.85
CA ASN A 352 -9.10 -19.09 -15.00
C ASN A 352 -8.82 -17.77 -15.73
N ASP A 353 -7.80 -17.03 -15.29
CA ASP A 353 -7.29 -15.92 -16.08
C ASP A 353 -6.24 -16.46 -17.04
N ASP A 354 -6.70 -16.94 -18.19
CA ASP A 354 -5.83 -17.62 -19.16
C ASP A 354 -5.02 -16.65 -20.04
N VAL A 355 -4.12 -15.91 -19.42
CA VAL A 355 -3.19 -15.06 -20.14
C VAL A 355 -1.79 -15.30 -19.59
N SER A 356 -0.76 -14.94 -20.35
CA SER A 356 0.62 -15.18 -19.91
C SER A 356 1.14 -14.03 -19.06
N TRP A 357 0.47 -12.88 -19.12
CA TRP A 357 0.94 -11.71 -18.39
C TRP A 357 0.35 -11.58 -16.98
N THR A 358 0.91 -10.64 -16.22
CA THR A 358 0.38 -10.28 -14.91
C THR A 358 0.33 -8.76 -14.79
N SER A 359 -0.85 -8.24 -14.50
CA SER A 359 -1.02 -6.80 -14.38
C SER A 359 -2.20 -6.46 -13.45
N ASN A 360 -2.62 -5.21 -13.47
CA ASN A 360 -3.67 -4.74 -12.56
C ASN A 360 -4.37 -3.49 -13.05
N SER A 361 -5.59 -3.27 -12.55
CA SER A 361 -6.24 -1.98 -12.69
C SER A 361 -6.34 -1.36 -11.30
N ILE A 362 -6.95 -0.19 -11.21
CA ILE A 362 -6.99 0.53 -9.94
C ILE A 362 -8.39 1.05 -9.64
N VAL A 363 -8.77 0.98 -8.37
CA VAL A 363 -9.99 1.64 -7.92
C VAL A 363 -9.71 2.30 -6.57
N THR A 364 -10.34 3.44 -6.32
CA THR A 364 -10.04 4.20 -5.11
C THR A 364 -11.31 4.65 -4.39
N PHE A 365 -11.18 4.88 -3.08
CA PHE A 365 -12.29 5.36 -2.26
C PHE A 365 -11.77 6.38 -1.26
N CYS A 366 -12.63 7.33 -0.89
CA CYS A 366 -12.30 8.30 0.15
C CYS A 366 -13.35 8.30 1.26
N GLY A 367 -12.93 8.71 2.45
CA GLY A 367 -13.82 8.76 3.60
C GLY A 367 -14.51 10.10 3.75
N LEU A 368 -15.81 10.05 4.07
CA LEU A 368 -16.59 11.25 4.36
C LEU A 368 -17.40 11.01 5.62
N ASP A 369 -17.83 12.09 6.27
CA ASP A 369 -18.64 11.98 7.47
C ASP A 369 -20.13 11.87 7.13
N ASN A 370 -20.43 11.14 6.05
CA ASN A 370 -21.80 10.93 5.61
C ASN A 370 -22.07 9.43 5.48
N GLU A 371 -23.35 9.06 5.38
CA GLU A 371 -23.72 7.67 5.14
C GLU A 371 -23.59 7.32 3.67
N PRO A 372 -22.90 6.22 3.36
CA PRO A 372 -22.68 5.77 1.99
C PRO A 372 -23.82 4.88 1.49
N GLY A 373 -23.92 4.74 0.17
CA GLY A 373 -24.82 3.76 -0.41
C GLY A 373 -24.06 2.47 -0.60
N SER A 374 -24.37 1.73 -1.67
CA SER A 374 -23.64 0.51 -1.95
C SER A 374 -23.53 0.20 -3.44
N GLY A 375 -22.53 -0.61 -3.78
CA GLY A 375 -22.29 -1.00 -5.15
C GLY A 375 -21.13 -1.96 -5.24
N ASN A 376 -20.63 -2.15 -6.45
CA ASN A 376 -19.56 -3.10 -6.73
C ASN A 376 -18.69 -2.55 -7.86
N TRP A 377 -17.39 -2.36 -7.60
CA TRP A 377 -16.50 -1.76 -8.59
C TRP A 377 -15.27 -2.61 -8.84
N PRO A 378 -15.45 -3.78 -9.47
CA PRO A 378 -14.36 -4.71 -9.78
C PRO A 378 -13.58 -4.27 -11.03
N ASP A 379 -12.54 -5.03 -11.36
CA ASP A 379 -11.75 -4.76 -12.56
C ASP A 379 -12.63 -4.61 -13.80
N GLY A 380 -13.47 -5.61 -14.03
CA GLY A 380 -14.48 -5.55 -15.06
C GLY A 380 -14.08 -6.12 -16.41
N SER A 381 -12.88 -6.69 -16.50
CA SER A 381 -12.41 -7.23 -17.77
C SER A 381 -12.92 -8.63 -18.03
N ASN A 382 -13.31 -8.89 -19.28
CA ASN A 382 -13.55 -10.24 -19.73
C ASN A 382 -12.20 -10.77 -20.23
N ILE A 383 -11.55 -11.58 -19.41
CA ILE A 383 -10.19 -12.02 -19.71
C ILE A 383 -10.14 -12.78 -21.03
N GLY A 384 -11.29 -13.31 -21.46
CA GLY A 384 -11.39 -14.01 -22.73
C GLY A 384 -11.24 -13.07 -23.92
N PHE A 385 -11.44 -11.78 -23.67
CA PHE A 385 -11.33 -10.76 -24.71
C PHE A 385 -9.89 -10.30 -24.93
N MET A 386 -9.03 -10.62 -23.97
CA MET A 386 -7.69 -10.04 -23.94
C MET A 386 -6.67 -10.78 -24.78
N PRO A 387 -5.72 -10.04 -25.36
CA PRO A 387 -4.53 -10.66 -25.96
C PRO A 387 -3.78 -11.39 -24.85
N LYS A 388 -3.37 -12.62 -25.12
CA LYS A 388 -2.78 -13.44 -24.08
C LYS A 388 -1.31 -13.12 -23.86
#